data_5Y6H
#
_entry.id   5Y6H
#
_cell.length_a   91.960
_cell.length_b   91.960
_cell.length_c   32.530
_cell.angle_alpha   90.00
_cell.angle_beta   90.00
_cell.angle_gamma   120.00
#
_symmetry.space_group_name_H-M   'H 3'
#
loop_
_entity.id
_entity.type
_entity.pdbx_description
1 polymer 'Flagellar brake protein YcgR'
2 water water
#
_entity_poly.entity_id   1
_entity_poly.type   'polypeptide(L)'
_entity_poly.pdbx_seq_one_letter_code
;MSHYHEQFLKQNPLAVLGVLRDLHKAAIPLRLSWNGGQLISKLLAITPDKLVLDFGSQAEDNIAVLKAQHITITAETQGA
KVEFTVEQLQQSEYLQLPAFITVPPPTLWFVLEHHHHHH
;
_entity_poly.pdbx_strand_id   A
#
# COMPACT_ATOMS: atom_id res chain seq x y z
N TYR A 4 -14.86 9.43 -0.75
CA TYR A 4 -14.77 9.64 -2.20
C TYR A 4 -16.05 9.21 -2.90
N HIS A 5 -16.27 9.76 -4.08
CA HIS A 5 -17.41 9.33 -4.89
C HIS A 5 -17.27 7.86 -5.24
N GLU A 6 -18.39 7.14 -5.18
CA GLU A 6 -18.39 5.71 -5.45
C GLU A 6 -17.94 5.37 -6.87
N GLN A 7 -17.86 6.36 -7.76
CA GLN A 7 -17.33 6.13 -9.10
C GLN A 7 -15.93 5.54 -9.06
N PHE A 8 -15.11 5.96 -8.09
CA PHE A 8 -13.70 5.60 -8.04
C PHE A 8 -13.43 4.31 -7.29
N LEU A 9 -14.45 3.49 -7.06
CA LEU A 9 -14.32 2.26 -6.27
C LEU A 9 -14.04 1.07 -7.18
N LYS A 10 -12.97 0.33 -6.87
CA LYS A 10 -12.71 -0.96 -7.48
C LYS A 10 -13.01 -2.07 -6.48
N GLN A 11 -13.86 -3.01 -6.86
CA GLN A 11 -14.40 -3.98 -5.92
C GLN A 11 -14.06 -5.43 -6.24
N ASN A 12 -14.04 -5.82 -7.54
CA ASN A 12 -13.72 -7.23 -7.75
C ASN A 12 -12.19 -7.43 -7.78
N PRO A 13 -11.70 -8.64 -7.47
CA PRO A 13 -10.25 -8.81 -7.29
C PRO A 13 -9.44 -8.58 -8.55
N LEU A 14 -10.02 -8.79 -9.74
CA LEU A 14 -9.28 -8.53 -10.97
C LEU A 14 -9.01 -7.03 -11.14
N ALA A 15 -10.03 -6.21 -10.90
CA ALA A 15 -9.87 -4.77 -11.05
C ALA A 15 -8.92 -4.20 -10.01
N VAL A 16 -8.96 -4.73 -8.78
CA VAL A 16 -8.06 -4.26 -7.73
C VAL A 16 -6.62 -4.58 -8.10
N LEU A 17 -6.37 -5.83 -8.51
CA LEU A 17 -5.01 -6.23 -8.86
C LEU A 17 -4.49 -5.43 -10.05
N GLY A 18 -5.36 -5.11 -11.01
CA GLY A 18 -4.92 -4.34 -12.16
C GLY A 18 -4.35 -2.99 -11.80
N VAL A 19 -4.98 -2.29 -10.85
CA VAL A 19 -4.46 -1.01 -10.39
C VAL A 19 -3.13 -1.19 -9.68
N LEU A 20 -3.02 -2.24 -8.86
CA LEU A 20 -1.79 -2.48 -8.12
C LEU A 20 -0.63 -2.80 -9.07
N ARG A 21 -0.92 -3.52 -10.16
CA ARG A 21 0.12 -3.78 -11.16
C ARG A 21 0.63 -2.47 -11.77
N ASP A 22 -0.29 -1.55 -12.09
CA ASP A 22 0.12 -0.25 -12.61
C ASP A 22 0.91 0.54 -11.59
N LEU A 23 0.50 0.47 -10.32
CA LEU A 23 1.21 1.17 -9.25
C LEU A 23 2.63 0.65 -9.08
N HIS A 24 2.81 -0.67 -9.10
CA HIS A 24 4.14 -1.25 -9.02
C HIS A 24 5.03 -0.77 -10.16
N LYS A 25 4.50 -0.74 -11.39
CA LYS A 25 5.31 -0.33 -12.53
C LYS A 25 5.63 1.16 -12.50
N ALA A 26 4.66 1.99 -12.07
CA ALA A 26 4.90 3.42 -11.98
C ALA A 26 5.98 3.76 -10.96
N ALA A 27 6.09 2.96 -9.90
CA ALA A 27 7.13 3.10 -8.89
C ALA A 27 7.12 4.48 -8.25
N ILE A 28 5.94 4.98 -7.93
CA ILE A 28 5.81 6.27 -7.25
C ILE A 28 5.81 6.02 -5.75
N PRO A 29 6.09 7.03 -4.92
CA PRO A 29 6.09 6.82 -3.47
C PRO A 29 4.71 6.51 -2.94
N LEU A 30 4.69 5.71 -1.87
CA LEU A 30 3.47 5.44 -1.12
C LEU A 30 3.55 6.14 0.22
N ARG A 31 2.39 6.44 0.80
CA ARG A 31 2.29 6.85 2.19
C ARG A 31 1.52 5.80 2.96
N LEU A 32 2.14 5.29 4.02
CA LEU A 32 1.47 4.39 4.97
C LEU A 32 1.07 5.21 6.18
N SER A 33 -0.23 5.21 6.50
CA SER A 33 -0.74 5.97 7.62
C SER A 33 -1.46 5.04 8.60
N TRP A 34 -1.26 5.27 9.90
CA TRP A 34 -1.93 4.50 10.93
C TRP A 34 -2.30 5.44 12.07
N ASN A 35 -3.06 4.91 13.03
CA ASN A 35 -3.41 5.67 14.21
C ASN A 35 -2.16 5.97 15.04
N GLY A 36 -1.51 7.10 14.77
CA GLY A 36 -0.29 7.42 15.49
C GLY A 36 0.84 7.97 14.64
N GLY A 37 0.80 7.81 13.33
CA GLY A 37 1.89 8.34 12.51
C GLY A 37 1.71 7.99 11.05
N GLN A 38 2.77 8.27 10.28
CA GLN A 38 2.82 7.99 8.85
C GLN A 38 4.27 7.80 8.42
N LEU A 39 4.46 7.12 7.29
CA LEU A 39 5.79 6.96 6.73
C LEU A 39 5.69 6.85 5.21
N ILE A 40 6.83 7.04 4.54
CA ILE A 40 6.91 6.99 3.09
C ILE A 40 7.52 5.66 2.68
N SER A 41 6.86 4.97 1.76
CA SER A 41 7.26 3.61 1.36
C SER A 41 7.21 3.53 -0.17
N LYS A 42 7.12 2.33 -0.67
CA LYS A 42 7.05 2.04 -2.09
C LYS A 42 6.64 0.58 -2.34
N LEU A 43 5.88 0.33 -3.40
CA LEU A 43 5.45 -1.03 -3.71
C LEU A 43 6.59 -1.74 -4.45
N LEU A 44 7.31 -2.59 -3.72
CA LEU A 44 8.51 -3.24 -4.26
C LEU A 44 8.16 -4.41 -5.15
N ALA A 45 7.12 -5.17 -4.81
CA ALA A 45 6.78 -6.37 -5.53
C ALA A 45 5.30 -6.64 -5.40
N ILE A 46 4.74 -7.32 -6.39
CA ILE A 46 3.31 -7.60 -6.45
C ILE A 46 3.08 -8.98 -7.06
N THR A 47 2.21 -9.77 -6.43
CA THR A 47 1.69 -11.02 -6.98
C THR A 47 0.19 -11.03 -6.72
N PRO A 48 -0.58 -11.96 -7.30
CA PRO A 48 -2.01 -12.03 -6.95
C PRO A 48 -2.28 -12.25 -5.48
N ASP A 49 -1.28 -12.72 -4.71
CA ASP A 49 -1.50 -13.07 -3.32
C ASP A 49 -0.73 -12.20 -2.33
N LYS A 50 0.14 -11.30 -2.78
CA LYS A 50 0.96 -10.58 -1.82
C LYS A 50 1.43 -9.24 -2.37
N LEU A 51 1.60 -8.29 -1.45
CA LEU A 51 2.27 -7.02 -1.70
C LEU A 51 3.50 -6.94 -0.81
N VAL A 52 4.62 -6.51 -1.38
CA VAL A 52 5.84 -6.27 -0.61
C VAL A 52 6.10 -4.77 -0.60
N LEU A 53 6.21 -4.19 0.60
CA LEU A 53 6.34 -2.75 0.77
C LEU A 53 7.66 -2.41 1.46
N ASP A 54 8.29 -1.33 1.02
CA ASP A 54 9.55 -0.89 1.59
C ASP A 54 9.36 -0.40 3.03
N PHE A 55 10.37 -0.65 3.86
CA PHE A 55 10.43 -0.04 5.19
C PHE A 55 10.60 1.47 5.06
N GLY A 56 10.13 2.20 6.07
CA GLY A 56 10.47 3.60 6.20
C GLY A 56 11.88 3.77 6.74
N SER A 57 12.37 5.01 6.68
CA SER A 57 13.73 5.29 7.12
C SER A 57 13.89 5.30 8.63
N GLN A 58 12.83 5.56 9.39
CA GLN A 58 12.90 5.66 10.84
C GLN A 58 12.40 4.36 11.46
N ALA A 59 13.25 3.72 12.27
CA ALA A 59 12.95 2.39 12.79
C ALA A 59 11.69 2.40 13.66
N GLU A 60 11.48 3.46 14.44
CA GLU A 60 10.32 3.50 15.32
C GLU A 60 9.02 3.55 14.51
N ASP A 61 9.05 4.15 13.31
CA ASP A 61 7.87 4.13 12.46
C ASP A 61 7.54 2.72 11.99
N ASN A 62 8.56 1.94 11.62
CA ASN A 62 8.34 0.59 11.16
C ASN A 62 7.77 -0.30 12.27
N ILE A 63 8.30 -0.15 13.49
CA ILE A 63 7.78 -0.90 14.63
C ILE A 63 6.33 -0.52 14.91
N ALA A 64 6.01 0.78 14.84
CA ALA A 64 4.64 1.21 15.05
C ALA A 64 3.70 0.62 14.01
N VAL A 65 4.12 0.60 12.76
CA VAL A 65 3.32 0.06 11.67
C VAL A 65 3.11 -1.45 11.74
N LEU A 66 4.02 -2.16 12.41
CA LEU A 66 3.91 -3.61 12.52
C LEU A 66 2.91 -4.04 13.59
N LYS A 67 2.56 -3.16 14.52
CA LYS A 67 1.57 -3.47 15.54
C LYS A 67 0.24 -2.75 15.31
N ALA A 68 0.16 -1.91 14.28
CA ALA A 68 -1.10 -1.26 13.97
C ALA A 68 -2.12 -2.27 13.44
N GLN A 69 -3.39 -1.99 13.71
CA GLN A 69 -4.44 -2.91 13.31
C GLN A 69 -5.21 -2.48 12.07
N HIS A 70 -4.95 -1.27 11.58
CA HIS A 70 -5.40 -0.88 10.25
C HIS A 70 -4.39 0.12 9.70
N ILE A 71 -4.05 -0.04 8.42
CA ILE A 71 -3.04 0.80 7.77
C ILE A 71 -3.63 1.27 6.45
N THR A 72 -3.69 2.59 6.27
CA THR A 72 -4.18 3.20 5.04
C THR A 72 -3.00 3.53 4.13
N ILE A 73 -3.09 3.10 2.87
CA ILE A 73 -2.01 3.27 1.90
C ILE A 73 -2.51 4.23 0.83
N THR A 74 -1.73 5.30 0.59
CA THR A 74 -2.08 6.33 -0.39
C THR A 74 -0.91 6.55 -1.35
N ALA A 75 -1.26 6.91 -2.60
CA ALA A 75 -0.27 7.25 -3.60
C ALA A 75 -0.94 8.10 -4.66
N GLU A 76 -0.25 9.15 -5.11
CA GLU A 76 -0.88 10.01 -6.10
C GLU A 76 0.17 10.60 -7.04
N THR A 77 -0.24 10.77 -8.30
CA THR A 77 0.55 11.47 -9.30
C THR A 77 -0.38 12.02 -10.38
N GLN A 78 -0.08 13.24 -10.83
CA GLN A 78 -0.79 13.86 -11.96
C GLN A 78 -2.30 13.86 -11.76
N GLY A 79 -2.74 14.08 -10.52
CA GLY A 79 -4.15 14.19 -10.22
C GLY A 79 -4.89 12.91 -9.95
N ALA A 80 -4.22 11.76 -10.03
CA ALA A 80 -4.83 10.46 -9.77
C ALA A 80 -4.31 9.93 -8.44
N LYS A 81 -5.22 9.50 -7.57
CA LYS A 81 -4.87 9.01 -6.24
C LYS A 81 -5.34 7.57 -6.06
N VAL A 82 -4.45 6.74 -5.52
CA VAL A 82 -4.79 5.39 -5.09
C VAL A 82 -4.93 5.42 -3.57
N GLU A 83 -5.99 4.79 -3.06
CA GLU A 83 -6.17 4.66 -1.61
C GLU A 83 -6.80 3.31 -1.28
N PHE A 84 -6.20 2.60 -0.34
CA PHE A 84 -6.79 1.36 0.17
C PHE A 84 -6.28 1.13 1.58
N THR A 85 -6.94 0.22 2.28
CA THR A 85 -6.62 -0.09 3.67
C THR A 85 -6.38 -1.58 3.81
N VAL A 86 -5.33 -1.95 4.56
CA VAL A 86 -5.05 -3.33 4.90
C VAL A 86 -5.13 -3.48 6.41
N GLU A 87 -5.37 -4.72 6.85
CA GLU A 87 -5.60 -4.97 8.26
C GLU A 87 -4.34 -5.32 9.04
N GLN A 88 -3.28 -5.74 8.35
CA GLN A 88 -2.09 -6.22 9.03
C GLN A 88 -0.90 -6.20 8.07
N LEU A 89 0.26 -5.79 8.59
CA LEU A 89 1.53 -5.99 7.92
C LEU A 89 2.42 -6.86 8.80
N GLN A 90 3.19 -7.74 8.15
CA GLN A 90 4.20 -8.51 8.84
C GLN A 90 5.57 -8.16 8.27
N GLN A 91 6.62 -8.51 9.00
CA GLN A 91 7.97 -8.25 8.54
C GLN A 91 8.46 -9.43 7.70
N SER A 92 9.11 -9.11 6.59
CA SER A 92 9.67 -10.12 5.70
C SER A 92 11.00 -9.58 5.17
N GLU A 93 11.44 -10.13 4.04
CA GLU A 93 12.72 -9.83 3.44
C GLU A 93 12.55 -9.65 1.95
N TYR A 94 13.27 -8.68 1.37
CA TYR A 94 13.25 -8.48 -0.07
C TYR A 94 14.55 -7.81 -0.50
N LEU A 95 15.26 -8.46 -1.42
CA LEU A 95 16.55 -7.97 -1.92
C LEU A 95 17.48 -7.60 -0.77
N GLN A 96 17.56 -8.49 0.22
CA GLN A 96 18.46 -8.44 1.36
C GLN A 96 18.15 -7.31 2.35
N LEU A 97 16.96 -6.73 2.27
CA LEU A 97 16.53 -5.70 3.21
C LEU A 97 15.21 -6.09 3.88
N PRO A 98 14.93 -5.57 5.07
CA PRO A 98 13.61 -5.80 5.67
C PRO A 98 12.53 -5.12 4.85
N ALA A 99 11.35 -5.72 4.84
CA ALA A 99 10.21 -5.19 4.11
C ALA A 99 8.93 -5.58 4.82
N PHE A 100 7.86 -4.84 4.52
CA PHE A 100 6.52 -5.23 4.95
C PHE A 100 5.91 -6.16 3.91
N ILE A 101 5.15 -7.15 4.39
CA ILE A 101 4.33 -7.98 3.52
C ILE A 101 2.88 -7.86 3.97
N THR A 102 1.99 -7.73 2.99
CA THR A 102 0.55 -7.77 3.24
C THR A 102 -0.10 -8.40 2.02
N VAL A 103 -1.43 -8.39 1.98
CA VAL A 103 -2.17 -9.05 0.90
C VAL A 103 -3.08 -8.01 0.25
N PRO A 104 -3.52 -8.27 -0.99
CA PRO A 104 -4.36 -7.29 -1.69
C PRO A 104 -5.63 -6.99 -0.93
N PRO A 105 -6.06 -5.72 -0.92
CA PRO A 105 -7.30 -5.37 -0.23
C PRO A 105 -8.50 -5.85 -1.02
N PRO A 106 -9.63 -6.08 -0.35
CA PRO A 106 -10.84 -6.45 -1.10
C PRO A 106 -11.40 -5.32 -1.94
N THR A 107 -11.16 -4.07 -1.57
CA THR A 107 -11.56 -2.93 -2.37
C THR A 107 -10.43 -1.91 -2.41
N LEU A 108 -10.47 -1.05 -3.42
CA LEU A 108 -9.43 -0.07 -3.66
C LEU A 108 -10.07 1.16 -4.30
N TRP A 109 -9.62 2.34 -3.91
CA TRP A 109 -10.04 3.59 -4.54
C TRP A 109 -8.99 4.03 -5.55
N PHE A 110 -9.42 4.27 -6.78
CA PHE A 110 -8.58 4.87 -7.82
C PHE A 110 -9.29 6.15 -8.23
N VAL A 111 -8.95 7.25 -7.55
CA VAL A 111 -9.68 8.50 -7.67
C VAL A 111 -9.05 9.35 -8.76
N LEU A 112 -9.76 9.50 -9.87
CA LEU A 112 -9.30 10.31 -11.00
C LEU A 112 -9.93 11.69 -11.01
N GLU A 113 -10.11 12.26 -9.81
CA GLU A 113 -10.71 13.59 -9.68
C GLU A 113 -9.97 14.61 -10.53
#